data_6O33
#
_entry.id   6O33
#
_cell.length_a   49.010
_cell.length_b   49.010
_cell.length_c   137.180
_cell.angle_alpha   90.000
_cell.angle_beta   90.000
_cell.angle_gamma   90.000
#
_symmetry.space_group_name_H-M   'P 43 21 2'
#
loop_
_entity.id
_entity.type
_entity.pdbx_description
1 polymer 'Peptidyl-prolyl cis-trans isomerase NIMA-interacting 1'
2 polymer peptide
3 non-polymer 'SULFATE ION'
4 water water
#
loop_
_entity_poly.entity_id
_entity_poly.type
_entity_poly.pdbx_seq_one_letter_code
_entity_poly.pdbx_strand_id
1 'polypeptide(L)'
;MADEEKLPPGWEKRMSRSSGRVYYFNHITNASQWERPSGNSSSGGKNGQGEPARVRCSHLLVKHSQSRRPSSWRQEQITR
TQEEALELINGYIQKIKSGEEDFESLASQFSDCSSAKARGDLGAFSRGQMQKPFEDASFALRTGEMSGPVFTDSGIHIIL
RTE
;
A
2 'polypeptide(L)' (ACE)E(YCP)(NAL)R(NH2) B
#
loop_
_chem_comp.id
_chem_comp.type
_chem_comp.name
_chem_comp.formula
ACE non-polymer 'ACETYL GROUP' 'C2 H4 O'
NH2 non-polymer 'AMINO GROUP' 'H2 N'
SO4 non-polymer 'SULFATE ION' 'O4 S -2'
#
# COMPACT_ATOMS: atom_id res chain seq x y z
N LYS A 6 -13.81 -0.92 19.49
CA LYS A 6 -14.65 0.13 18.92
C LYS A 6 -14.27 0.42 17.47
N LEU A 7 -12.97 0.58 17.23
CA LEU A 7 -12.46 0.87 15.91
C LEU A 7 -12.34 -0.43 15.10
N PRO A 8 -12.40 -0.34 13.78
CA PRO A 8 -12.29 -1.55 12.94
C PRO A 8 -10.93 -2.21 13.11
N PRO A 9 -10.77 -3.45 12.65
CA PRO A 9 -9.52 -4.18 12.90
C PRO A 9 -8.29 -3.45 12.42
N GLY A 10 -7.26 -3.44 13.26
CA GLY A 10 -6.00 -2.80 12.96
C GLY A 10 -5.89 -1.35 13.40
N TRP A 11 -7.02 -0.68 13.62
CA TRP A 11 -7.03 0.76 13.86
C TRP A 11 -6.81 1.08 15.33
N GLU A 12 -5.97 2.09 15.58
CA GLU A 12 -5.70 2.58 16.92
C GLU A 12 -5.56 4.09 16.88
N LYS A 13 -6.01 4.74 17.93
CA LYS A 13 -5.87 6.19 18.08
C LYS A 13 -4.47 6.49 18.59
N ARG A 14 -3.72 7.31 17.84
CA ARG A 14 -2.35 7.64 18.17
C ARG A 14 -2.20 9.15 18.30
N MET A 15 -1.03 9.56 18.78
CA MET A 15 -0.62 10.96 18.83
C MET A 15 0.76 11.07 18.20
N SER A 16 0.96 12.14 17.43
CA SER A 16 2.26 12.35 16.80
C SER A 16 3.30 12.74 17.84
N ARG A 17 4.50 12.13 17.74
CA ARG A 17 5.60 12.56 18.60
C ARG A 17 6.13 13.92 18.16
N SER A 18 6.13 14.17 16.85
CA SER A 18 6.52 15.47 16.32
C SER A 18 5.52 16.53 16.73
N SER A 19 4.29 16.43 16.22
CA SER A 19 3.21 17.33 16.61
C SER A 19 2.74 16.95 18.01
N GLY A 20 1.61 17.50 18.40
CA GLY A 20 0.86 16.95 19.50
C GLY A 20 -0.49 16.48 18.98
N ARG A 21 -0.58 16.30 17.66
CA ARG A 21 -1.86 16.14 16.97
C ARG A 21 -2.28 14.66 17.02
N VAL A 22 -3.55 14.42 17.34
CA VAL A 22 -4.15 13.09 17.34
C VAL A 22 -4.44 12.64 15.91
N TYR A 23 -4.20 11.36 15.64
CA TYR A 23 -4.57 10.78 14.35
C TYR A 23 -4.89 9.30 14.56
N TYR A 24 -5.22 8.62 13.46
CA TYR A 24 -5.62 7.23 13.51
C TYR A 24 -4.71 6.41 12.62
N PHE A 25 -4.24 5.28 13.15
CA PHE A 25 -3.23 4.47 12.49
C PHE A 25 -3.70 3.03 12.47
N ASN A 26 -3.49 2.36 11.33
CA ASN A 26 -3.80 0.95 11.18
C ASN A 26 -2.50 0.17 11.17
N HIS A 27 -2.33 -0.71 12.16
N HIS A 27 -2.34 -0.71 12.16
CA HIS A 27 -1.09 -1.46 12.30
CA HIS A 27 -1.10 -1.47 12.31
C HIS A 27 -0.93 -2.54 11.24
C HIS A 27 -1.00 -2.67 11.39
N ILE A 28 -1.99 -2.90 10.53
CA ILE A 28 -1.94 -3.96 9.54
C ILE A 28 -1.70 -3.41 8.13
N THR A 29 -2.34 -2.30 7.80
CA THR A 29 -2.17 -1.66 6.49
C THR A 29 -1.14 -0.54 6.51
N ASN A 30 -0.71 -0.11 7.69
CA ASN A 30 0.18 1.04 7.88
C ASN A 30 -0.45 2.35 7.41
N ALA A 31 -1.77 2.38 7.22
CA ALA A 31 -2.43 3.61 6.82
C ALA A 31 -2.54 4.57 7.99
N SER A 32 -2.44 5.86 7.67
CA SER A 32 -2.60 6.96 8.62
C SER A 32 -3.69 7.89 8.11
N GLN A 33 -4.45 8.47 9.05
CA GLN A 33 -5.42 9.49 8.67
C GLN A 33 -5.84 10.29 9.90
N TRP A 34 -6.29 11.52 9.65
CA TRP A 34 -6.84 12.36 10.70
C TRP A 34 -8.25 11.95 11.10
N GLU A 35 -9.03 11.47 10.14
CA GLU A 35 -10.43 11.12 10.39
C GLU A 35 -10.55 9.82 11.17
N ARG A 36 -11.44 9.81 12.14
CA ARG A 36 -11.74 8.57 12.86
C ARG A 36 -12.23 7.53 11.85
N PRO A 37 -11.69 6.32 11.88
CA PRO A 37 -12.01 5.35 10.82
C PRO A 37 -13.43 4.80 10.87
N SER A 38 -14.22 5.16 11.88
CA SER A 38 -15.62 4.77 11.92
C SER A 38 -16.36 5.71 12.86
N GLY A 39 -17.66 5.88 12.60
CA GLY A 39 -18.49 6.74 13.42
C GLY A 39 -18.90 6.13 14.73
N GLY A 48 -19.26 -10.12 14.31
CA GLY A 48 -18.94 -11.37 13.63
C GLY A 48 -18.81 -11.22 12.13
N GLN A 49 -18.48 -10.00 11.69
CA GLN A 49 -18.37 -9.73 10.26
C GLN A 49 -17.11 -10.34 9.67
N GLY A 50 -16.04 -10.47 10.47
CA GLY A 50 -14.82 -11.07 9.95
C GLY A 50 -14.17 -10.21 8.89
N GLU A 51 -13.68 -10.84 7.84
CA GLU A 51 -13.03 -10.18 6.72
C GLU A 51 -13.61 -10.73 5.43
N PRO A 52 -13.49 -9.97 4.33
CA PRO A 52 -13.98 -10.48 3.04
C PRO A 52 -13.20 -11.71 2.63
N ALA A 53 -13.92 -12.67 2.03
CA ALA A 53 -13.26 -13.88 1.52
C ALA A 53 -12.45 -13.60 0.27
N ARG A 54 -12.76 -12.52 -0.45
CA ARG A 54 -11.98 -12.10 -1.61
C ARG A 54 -12.02 -10.58 -1.73
N VAL A 55 -10.92 -10.02 -2.21
CA VAL A 55 -10.82 -8.59 -2.48
C VAL A 55 -10.20 -8.39 -3.85
N ARG A 56 -10.45 -7.22 -4.41
CA ARG A 56 -9.75 -6.75 -5.60
C ARG A 56 -8.93 -5.52 -5.22
N CYS A 57 -7.66 -5.51 -5.61
CA CYS A 57 -6.76 -4.45 -5.22
C CYS A 57 -5.92 -3.99 -6.39
N SER A 58 -5.65 -2.69 -6.43
CA SER A 58 -4.57 -2.14 -7.25
C SER A 58 -3.40 -1.81 -6.34
N HIS A 59 -2.21 -1.73 -6.93
CA HIS A 59 -1.06 -1.39 -6.11
C HIS A 59 -0.05 -0.60 -6.92
N LEU A 60 0.78 0.15 -6.20
CA LEU A 60 1.95 0.82 -6.74
C LEU A 60 3.15 0.30 -5.99
N LEU A 61 4.10 -0.28 -6.72
CA LEU A 61 5.28 -0.89 -6.12
C LEU A 61 6.51 -0.03 -6.42
N VAL A 62 7.30 0.24 -5.38
CA VAL A 62 8.60 0.89 -5.54
C VAL A 62 9.64 -0.10 -5.03
N LYS A 63 10.45 -0.63 -5.94
CA LYS A 63 11.49 -1.56 -5.56
C LYS A 63 12.73 -0.79 -5.11
N HIS A 64 13.66 -1.51 -4.48
CA HIS A 64 14.92 -0.95 -4.04
C HIS A 64 16.03 -1.94 -4.37
N SER A 65 17.25 -1.59 -3.96
CA SER A 65 18.40 -2.45 -4.29
C SER A 65 18.29 -3.83 -3.67
N GLN A 66 17.55 -3.96 -2.57
CA GLN A 66 17.43 -5.23 -1.84
C GLN A 66 16.15 -5.98 -2.17
N SER A 67 15.42 -5.56 -3.21
CA SER A 67 14.26 -6.32 -3.65
C SER A 67 14.68 -7.68 -4.20
N ARG A 68 13.73 -8.62 -4.20
CA ARG A 68 14.01 -9.97 -4.68
C ARG A 68 14.52 -9.95 -6.12
N ARG A 69 13.80 -9.26 -7.01
CA ARG A 69 14.25 -8.96 -8.36
C ARG A 69 14.48 -7.46 -8.45
N PRO A 70 15.70 -6.96 -8.23
CA PRO A 70 15.92 -5.51 -8.33
C PRO A 70 15.94 -5.02 -9.78
N SER A 71 14.81 -5.19 -10.45
CA SER A 71 14.66 -4.79 -11.84
C SER A 71 13.19 -4.61 -12.14
N SER A 72 12.89 -3.72 -13.08
CA SER A 72 11.53 -3.46 -13.52
C SER A 72 11.57 -2.98 -14.95
N TRP A 73 10.38 -2.84 -15.55
CA TRP A 73 10.28 -2.21 -16.86
C TRP A 73 10.80 -0.78 -16.84
N ARG A 74 10.90 -0.17 -15.66
CA ARG A 74 11.39 1.20 -15.56
C ARG A 74 12.91 1.28 -15.57
N GLN A 75 13.59 0.30 -14.97
CA GLN A 75 15.04 0.27 -15.02
C GLN A 75 15.56 -1.14 -14.72
N GLU A 76 16.51 -1.59 -15.54
CA GLU A 76 17.18 -2.88 -15.29
C GLU A 76 17.78 -2.96 -13.91
N GLN A 77 18.55 -1.95 -13.54
CA GLN A 77 19.31 -1.98 -12.30
C GLN A 77 18.65 -0.98 -11.36
N ILE A 78 17.81 -1.49 -10.47
CA ILE A 78 17.20 -0.66 -9.44
C ILE A 78 18.25 -0.45 -8.36
N THR A 79 18.70 0.80 -8.21
CA THR A 79 19.80 1.12 -7.33
C THR A 79 19.40 1.95 -6.11
N ARG A 80 18.17 2.41 -6.04
CA ARG A 80 17.74 3.20 -4.89
C ARG A 80 17.76 2.33 -3.63
N THR A 81 18.02 2.97 -2.50
CA THR A 81 18.04 2.27 -1.23
C THR A 81 16.61 2.05 -0.73
N GLN A 82 16.50 1.23 0.32
CA GLN A 82 15.19 1.01 0.92
C GLN A 82 14.62 2.31 1.49
N GLU A 83 15.47 3.14 2.11
CA GLU A 83 15.00 4.41 2.63
C GLU A 83 14.56 5.36 1.52
N GLU A 84 15.25 5.35 0.38
CA GLU A 84 14.85 6.22 -0.72
C GLU A 84 13.54 5.76 -1.34
N ALA A 85 13.35 4.44 -1.43
CA ALA A 85 12.09 3.90 -1.92
C ALA A 85 10.95 4.23 -0.97
N LEU A 86 11.18 4.16 0.34
CA LEU A 86 10.17 4.55 1.30
C LEU A 86 9.82 6.03 1.16
N GLU A 87 10.83 6.87 0.95
CA GLU A 87 10.58 8.29 0.77
C GLU A 87 9.74 8.55 -0.47
N LEU A 88 10.01 7.83 -1.55
CA LEU A 88 9.19 7.93 -2.76
C LEU A 88 7.76 7.51 -2.47
N ILE A 89 7.59 6.36 -1.81
CA ILE A 89 6.26 5.88 -1.44
C ILE A 89 5.52 6.91 -0.61
N ASN A 90 6.19 7.46 0.40
CA ASN A 90 5.55 8.46 1.25
C ASN A 90 5.18 9.71 0.46
N GLY A 91 5.99 10.05 -0.54
CA GLY A 91 5.65 11.19 -1.39
C GLY A 91 4.41 10.94 -2.22
N TYR A 92 4.31 9.74 -2.82
CA TYR A 92 3.13 9.39 -3.59
C TYR A 92 1.88 9.40 -2.72
N ILE A 93 1.96 8.84 -1.51
CA ILE A 93 0.82 8.84 -0.59
C ILE A 93 0.37 10.28 -0.32
N GLN A 94 1.32 11.17 -0.07
CA GLN A 94 0.98 12.56 0.20
C GLN A 94 0.34 13.23 -1.00
N LYS A 95 0.85 12.94 -2.20
CA LYS A 95 0.25 13.52 -3.41
C LYS A 95 -1.17 13.01 -3.64
N ILE A 96 -1.42 11.73 -3.33
CA ILE A 96 -2.76 11.19 -3.50
C ILE A 96 -3.71 11.79 -2.48
N LYS A 97 -3.26 11.88 -1.22
CA LYS A 97 -4.10 12.45 -0.18
C LYS A 97 -4.40 13.93 -0.41
N SER A 98 -3.44 14.67 -0.98
CA SER A 98 -3.65 16.08 -1.23
C SER A 98 -4.63 16.32 -2.37
N GLY A 99 -4.81 15.35 -3.26
CA GLY A 99 -5.56 15.55 -4.49
C GLY A 99 -4.71 15.99 -5.66
N GLU A 100 -3.41 16.24 -5.44
CA GLU A 100 -2.52 16.65 -6.51
C GLU A 100 -2.37 15.56 -7.57
N GLU A 101 -2.39 14.30 -7.15
CA GLU A 101 -2.24 13.18 -8.06
C GLU A 101 -3.29 12.14 -7.74
N ASP A 102 -3.49 11.24 -8.69
CA ASP A 102 -4.45 10.16 -8.57
C ASP A 102 -3.69 8.84 -8.48
N PHE A 103 -4.25 7.89 -7.72
CA PHE A 103 -3.55 6.62 -7.46
C PHE A 103 -3.25 5.89 -8.76
N GLU A 104 -4.27 5.69 -9.60
CA GLU A 104 -4.07 4.90 -10.81
C GLU A 104 -3.08 5.56 -11.75
N SER A 105 -3.09 6.90 -11.80
CA SER A 105 -2.16 7.61 -12.67
C SER A 105 -0.73 7.43 -12.21
N LEU A 106 -0.48 7.52 -10.91
CA LEU A 106 0.87 7.32 -10.39
C LEU A 106 1.33 5.88 -10.61
N ALA A 107 0.43 4.91 -10.42
CA ALA A 107 0.81 3.52 -10.59
C ALA A 107 1.20 3.22 -12.04
N SER A 108 0.49 3.83 -12.99
CA SER A 108 0.83 3.64 -14.40
C SER A 108 2.21 4.19 -14.71
N GLN A 109 2.56 5.32 -14.09
CA GLN A 109 3.81 6.00 -14.41
C GLN A 109 5.00 5.40 -13.68
N PHE A 110 4.81 5.00 -12.42
CA PHE A 110 5.95 4.79 -11.52
C PHE A 110 6.01 3.43 -10.85
N SER A 111 4.99 2.59 -10.95
CA SER A 111 5.06 1.30 -10.30
C SER A 111 6.14 0.45 -10.95
N ASP A 112 6.97 -0.18 -10.13
CA ASP A 112 8.05 -1.04 -10.61
C ASP A 112 7.53 -2.44 -10.87
N CYS A 113 6.24 -2.55 -11.13
CA CYS A 113 5.57 -3.84 -11.41
C CYS A 113 4.83 -3.79 -12.70
N SER A 114 4.80 -4.90 -13.43
CA SER A 114 4.17 -4.95 -14.74
C SER A 114 2.67 -4.62 -14.70
N SER A 115 2.07 -4.72 -13.51
CA SER A 115 0.68 -4.32 -13.36
C SER A 115 0.47 -2.82 -13.58
N ALA A 116 1.55 -2.05 -13.76
CA ALA A 116 1.42 -0.65 -14.12
C ALA A 116 0.65 -0.49 -15.43
N LYS A 117 0.81 -1.43 -16.36
CA LYS A 117 0.10 -1.37 -17.63
C LYS A 117 -1.40 -1.56 -17.44
N ALA A 118 -1.83 -2.10 -16.30
CA ALA A 118 -3.22 -2.15 -15.93
C ALA A 118 -3.59 -1.07 -14.92
N ARG A 119 -2.80 0.01 -14.87
CA ARG A 119 -3.00 1.09 -13.91
C ARG A 119 -2.97 0.56 -12.47
N GLY A 120 -2.11 -0.43 -12.23
CA GLY A 120 -1.94 -1.01 -10.92
C GLY A 120 -2.86 -2.16 -10.59
N ASP A 121 -3.87 -2.42 -11.43
CA ASP A 121 -4.88 -3.41 -11.09
C ASP A 121 -4.28 -4.81 -11.09
N LEU A 122 -4.53 -5.56 -10.00
CA LEU A 122 -4.14 -6.96 -9.88
C LEU A 122 -5.33 -7.90 -10.00
N GLY A 123 -6.55 -7.39 -10.09
CA GLY A 123 -7.70 -8.26 -10.10
C GLY A 123 -8.01 -8.77 -8.70
N ALA A 124 -8.93 -9.74 -8.65
CA ALA A 124 -9.40 -10.28 -7.38
C ALA A 124 -8.53 -11.45 -6.92
N PHE A 125 -8.43 -11.62 -5.61
CA PHE A 125 -7.65 -12.72 -5.07
C PHE A 125 -8.16 -13.09 -3.68
N SER A 126 -7.79 -14.29 -3.24
CA SER A 126 -8.10 -14.81 -1.92
C SER A 126 -6.82 -14.89 -1.08
N ARG A 127 -7.00 -15.28 0.18
CA ARG A 127 -5.85 -15.49 1.04
C ARG A 127 -5.03 -16.69 0.56
N GLY A 128 -3.73 -16.63 0.83
CA GLY A 128 -2.82 -17.67 0.39
C GLY A 128 -2.27 -17.49 -1.01
N GLN A 129 -2.59 -16.39 -1.68
CA GLN A 129 -2.16 -16.16 -3.05
C GLN A 129 -1.08 -15.09 -3.17
N MET A 130 -1.10 -14.06 -2.34
CA MET A 130 -0.07 -13.02 -2.33
C MET A 130 0.88 -13.24 -1.15
N GLN A 131 2.00 -12.51 -1.18
CA GLN A 131 2.92 -12.55 -0.05
C GLN A 131 2.21 -12.05 1.20
N LYS A 132 2.55 -12.65 2.34
CA LYS A 132 1.75 -12.44 3.55
C LYS A 132 1.57 -10.97 3.94
N PRO A 133 2.59 -10.10 3.91
CA PRO A 133 2.33 -8.70 4.25
C PRO A 133 1.38 -8.01 3.28
N PHE A 134 1.50 -8.29 1.98
CA PHE A 134 0.56 -7.72 1.02
C PHE A 134 -0.86 -8.21 1.28
N GLU A 135 -0.99 -9.52 1.55
CA GLU A 135 -2.29 -10.12 1.80
C GLU A 135 -2.92 -9.57 3.09
N ASP A 136 -2.13 -9.52 4.17
CA ASP A 136 -2.66 -8.99 5.43
C ASP A 136 -3.19 -7.58 5.27
N ALA A 137 -2.43 -6.72 4.58
CA ALA A 137 -2.89 -5.35 4.37
C ALA A 137 -4.13 -5.31 3.48
N SER A 138 -4.13 -6.10 2.40
CA SER A 138 -5.25 -6.05 1.44
C SER A 138 -6.56 -6.43 2.10
N PHE A 139 -6.54 -7.44 2.97
CA PHE A 139 -7.78 -7.91 3.56
C PHE A 139 -8.19 -7.10 4.79
N ALA A 140 -7.31 -6.26 5.31
CA ALA A 140 -7.68 -5.31 6.36
C ALA A 140 -8.20 -3.99 5.79
N LEU A 141 -8.08 -3.77 4.49
CA LEU A 141 -8.63 -2.56 3.89
C LEU A 141 -10.12 -2.74 3.66
N ARG A 142 -10.86 -1.67 3.88
CA ARG A 142 -12.25 -1.65 3.43
C ARG A 142 -12.28 -1.11 2.01
N THR A 143 -13.40 -1.35 1.33
CA THR A 143 -13.49 -0.95 -0.07
C THR A 143 -13.27 0.55 -0.21
N GLY A 144 -12.40 0.91 -1.15
CA GLY A 144 -12.05 2.30 -1.38
C GLY A 144 -10.86 2.80 -0.59
N GLU A 145 -10.39 2.04 0.39
CA GLU A 145 -9.31 2.50 1.25
C GLU A 145 -7.95 2.20 0.63
N MET A 146 -6.98 3.00 1.03
CA MET A 146 -5.60 2.89 0.57
C MET A 146 -4.69 2.62 1.75
N SER A 147 -3.71 1.74 1.56
CA SER A 147 -2.80 1.41 2.64
C SER A 147 -1.76 2.52 2.84
N GLY A 148 -0.98 2.37 3.90
CA GLY A 148 0.29 3.05 4.00
C GLY A 148 1.35 2.23 3.31
N PRO A 149 2.62 2.45 3.65
CA PRO A 149 3.69 1.64 3.05
C PRO A 149 3.62 0.21 3.54
N VAL A 150 3.59 -0.73 2.59
CA VAL A 150 3.53 -2.15 2.89
C VAL A 150 4.82 -2.79 2.39
N PHE A 151 5.59 -3.38 3.31
CA PHE A 151 6.89 -3.94 2.98
C PHE A 151 6.77 -5.43 2.67
N THR A 152 7.25 -5.83 1.49
CA THR A 152 7.33 -7.22 1.09
C THR A 152 8.71 -7.48 0.52
N ASP A 153 8.97 -8.76 0.20
CA ASP A 153 10.23 -9.12 -0.45
C ASP A 153 10.41 -8.43 -1.79
N SER A 154 9.32 -8.02 -2.43
CA SER A 154 9.41 -7.38 -3.74
C SER A 154 9.79 -5.91 -3.63
N GLY A 155 9.46 -5.28 -2.53
CA GLY A 155 9.69 -3.86 -2.34
C GLY A 155 8.61 -3.29 -1.44
N ILE A 156 8.33 -1.99 -1.63
CA ILE A 156 7.36 -1.27 -0.82
C ILE A 156 6.14 -0.97 -1.68
N HIS A 157 4.95 -1.33 -1.19
CA HIS A 157 3.71 -1.15 -1.93
C HIS A 157 2.82 -0.10 -1.29
N ILE A 158 2.07 0.61 -2.14
CA ILE A 158 0.81 1.25 -1.77
C ILE A 158 -0.30 0.40 -2.37
N ILE A 159 -1.33 0.11 -1.59
CA ILE A 159 -2.41 -0.77 -2.02
C ILE A 159 -3.74 -0.03 -1.95
N LEU A 160 -4.55 -0.15 -3.00
CA LEU A 160 -5.88 0.45 -3.04
C LEU A 160 -6.89 -0.67 -3.25
N ARG A 161 -7.81 -0.83 -2.30
CA ARG A 161 -8.84 -1.86 -2.43
C ARG A 161 -9.99 -1.30 -3.24
N THR A 162 -10.25 -1.91 -4.39
CA THR A 162 -11.30 -1.42 -5.28
C THR A 162 -12.58 -2.22 -5.18
N GLU A 163 -12.52 -3.47 -4.74
CA GLU A 163 -13.71 -4.29 -4.53
C GLU A 163 -13.53 -5.18 -3.31
C ACE B 1 4.92 -7.35 -9.34
O ACE B 1 5.78 -7.18 -10.19
CH3 ACE B 1 3.55 -6.74 -9.52
N GLU B 2 5.10 -8.08 -8.25
CA GLU B 2 5.27 -9.52 -8.37
C GLU B 2 4.86 -10.27 -7.13
C YCP B 3 3.03 -11.54 -4.75
N YCP B 3 3.66 -10.03 -6.59
O YCP B 3 2.67 -11.77 -3.61
CA YCP B 3 3.52 -10.19 -5.14
CB YCP B 3 2.56 -9.13 -4.59
CD YCP B 3 2.02 -8.26 -6.85
CE YCP B 3 2.42 -9.66 -7.28
CG YCP B 3 2.58 -7.90 -5.47
C1 NAL B 4 -0.23 -14.14 -7.20
C2 NAL B 4 1.07 -13.76 -7.51
C3 NAL B 4 1.30 -12.75 -8.44
C4 NAL B 4 0.23 -12.11 -9.05
C4A NAL B 4 -1.08 -12.49 -8.75
C5 NAL B 4 -2.15 -11.86 -9.36
C6 NAL B 4 -3.45 -12.24 -9.04
C7 NAL B 4 -3.68 -13.26 -8.12
C8 NAL B 4 -2.60 -13.89 -7.51
C8A NAL B 4 -1.30 -13.51 -7.82
C9 NAL B 4 2.23 -14.46 -6.85
CA NAL B 4 2.50 -13.79 -5.51
C NAL B 4 3.44 -14.62 -4.70
N NAL B 4 3.02 -12.46 -5.72
O NAL B 4 4.65 -14.55 -4.88
N ARG B 5 2.89 -15.42 -3.78
CA ARG B 5 3.62 -16.52 -3.17
C ARG B 5 4.17 -17.45 -4.19
N NH2 B 6 3.33 -18.11 -4.99
S SO4 C . -15.22 -5.27 5.26
O1 SO4 C . -14.52 -4.66 4.11
O2 SO4 C . -15.72 -4.23 6.14
O3 SO4 C . -16.34 -6.06 4.75
O4 SO4 C . -14.30 -6.12 5.99
#